data_2XHH
#
_entry.id   2XHH
#
_cell.length_a   45.366
_cell.length_b   45.366
_cell.length_c   102.259
_cell.angle_alpha   90.00
_cell.angle_beta   90.00
_cell.angle_gamma   90.00
#
_symmetry.space_group_name_H-M   'P 41 21 2'
#
loop_
_entity.id
_entity.type
_entity.pdbx_description
1 polymer 'CARBOHYDRATE BINDING MODULE'
2 non-polymer '(2S)-2-hydroxybutanedioic acid'
3 non-polymer 'CALCIUM ION'
4 water water
#
_entity_poly.entity_id   1
_entity_poly.type   'polypeptide(L)'
_entity_poly.pdbx_seq_one_letter_code
;SNSITVRARGVNGQESVSLQVGGTTVQTWTLTTAMQDYTASTSLTGEIRVAFTNDATGRDVQVDYIVVNGQTRQAENQSV
NTGVWANNQCGGSGNSEWLHCNGYISFGNVSLEHHHHHH
;
_entity_poly.pdbx_strand_id   A
#
loop_
_chem_comp.id
_chem_comp.type
_chem_comp.name
_chem_comp.formula
CA non-polymer 'CALCIUM ION' 'Ca 2'
LMR non-polymer '(2S)-2-hydroxybutanedioic acid' 'C4 H6 O5'
#
# COMPACT_ATOMS: atom_id res chain seq x y z
N SER A 1 5.49 -3.57 18.79
CA SER A 1 4.73 -3.00 17.67
C SER A 1 4.98 -3.84 16.41
N ASN A 2 4.12 -3.63 15.45
CA ASN A 2 4.24 -4.21 14.12
C ASN A 2 5.03 -3.29 13.21
N SER A 3 5.97 -3.86 12.49
CA SER A 3 6.76 -3.13 11.51
C SER A 3 6.16 -3.33 10.12
N ILE A 4 5.99 -2.22 9.42
CA ILE A 4 5.49 -2.22 8.05
C ILE A 4 6.41 -1.38 7.18
N THR A 5 6.97 -2.01 6.15
CA THR A 5 7.76 -1.32 5.15
C THR A 5 6.95 -1.33 3.86
N VAL A 6 6.80 -0.15 3.28
CA VAL A 6 6.16 0.01 1.98
C VAL A 6 7.24 0.34 0.94
N ARG A 7 7.25 -0.40 -0.17
CA ARG A 7 8.18 -0.15 -1.26
CA ARG A 7 8.18 -0.15 -1.26
C ARG A 7 7.38 0.37 -2.44
N ALA A 8 7.62 1.63 -2.80
CA ALA A 8 6.80 2.29 -3.78
C ALA A 8 7.54 3.44 -4.43
N ARG A 9 6.97 3.88 -5.54
CA ARG A 9 7.49 5.00 -6.33
C ARG A 9 6.36 5.78 -6.95
N GLY A 10 6.67 7.03 -7.21
CA GLY A 10 5.80 7.89 -7.95
C GLY A 10 6.33 8.12 -9.34
N VAL A 11 5.43 8.36 -10.27
CA VAL A 11 5.82 8.64 -11.64
C VAL A 11 6.45 10.03 -11.79
N ASN A 12 5.97 11.02 -11.07
CA ASN A 12 6.62 12.34 -11.21
C ASN A 12 7.22 12.95 -9.93
N GLY A 13 7.09 12.24 -8.80
CA GLY A 13 7.70 12.64 -7.55
C GLY A 13 6.91 13.60 -6.69
N GLN A 14 5.69 13.91 -7.14
CA GLN A 14 4.75 14.75 -6.39
C GLN A 14 3.77 13.90 -5.57
N GLU A 15 3.78 12.59 -5.78
CA GLU A 15 2.78 11.70 -5.24
C GLU A 15 2.90 11.54 -3.73
N SER A 16 1.75 11.54 -3.07
CA SER A 16 1.69 11.29 -1.64
C SER A 16 0.96 9.98 -1.39
N VAL A 17 1.56 9.12 -0.55
CA VAL A 17 0.88 7.90 -0.10
C VAL A 17 0.78 7.88 1.39
N SER A 18 -0.33 7.30 1.87
CA SER A 18 -0.56 7.07 3.28
C SER A 18 -0.66 5.58 3.56
N LEU A 19 0.03 5.19 4.64
CA LEU A 19 -0.12 3.86 5.23
C LEU A 19 -1.24 3.95 6.25
N GLN A 20 -2.28 3.17 5.99
CA GLN A 20 -3.45 3.12 6.83
C GLN A 20 -3.61 1.71 7.41
N VAL A 21 -3.90 1.66 8.71
CA VAL A 21 -4.09 0.37 9.40
C VAL A 21 -5.40 0.44 10.18
N GLY A 22 -6.33 -0.43 9.80
CA GLY A 22 -7.67 -0.42 10.39
C GLY A 22 -8.37 0.92 10.28
N GLY A 23 -8.07 1.65 9.20
CA GLY A 23 -8.72 2.94 8.94
C GLY A 23 -7.97 4.15 9.47
N THR A 24 -6.90 3.89 10.23
CA THR A 24 -6.09 4.94 10.84
C THR A 24 -4.86 5.22 10.00
N THR A 25 -4.64 6.48 9.64
CA THR A 25 -3.43 6.83 8.92
C THR A 25 -2.30 6.89 9.89
N VAL A 26 -1.34 5.96 9.76
CA VAL A 26 -0.24 5.89 10.70
CA VAL A 26 -0.22 5.85 10.68
C VAL A 26 0.97 6.68 10.21
N GLN A 27 1.11 6.83 8.90
CA GLN A 27 2.21 7.60 8.31
C GLN A 27 1.85 7.99 6.89
N THR A 28 2.41 9.14 6.48
CA THR A 28 2.28 9.68 5.12
C THR A 28 3.66 10.06 4.60
N TRP A 29 3.91 9.74 3.33
CA TRP A 29 5.17 10.04 2.64
C TRP A 29 4.92 10.63 1.26
N THR A 30 5.76 11.57 0.88
CA THR A 30 5.88 11.99 -0.51
C THR A 30 6.94 11.10 -1.16
N LEU A 31 6.57 10.51 -2.28
CA LEU A 31 7.42 9.55 -2.94
C LEU A 31 8.42 10.25 -3.85
N THR A 32 9.44 9.50 -4.23
CA THR A 32 10.36 9.89 -5.27
C THR A 32 10.03 9.03 -6.49
N THR A 33 10.78 9.27 -7.57
CA THR A 33 10.58 8.55 -8.82
C THR A 33 11.30 7.20 -8.84
N ALA A 34 12.08 6.92 -7.79
CA ALA A 34 12.77 5.64 -7.60
C ALA A 34 12.01 4.76 -6.61
N MET A 35 11.98 3.46 -6.88
CA MET A 35 11.47 2.53 -5.89
C MET A 35 12.32 2.71 -4.64
N GLN A 36 11.62 2.87 -3.54
CA GLN A 36 12.24 3.14 -2.27
C GLN A 36 11.43 2.50 -1.15
N ASP A 37 12.15 2.06 -0.13
CA ASP A 37 11.52 1.55 1.11
C ASP A 37 11.24 2.69 2.07
N TYR A 38 10.02 2.66 2.61
CA TYR A 38 9.50 3.55 3.63
C TYR A 38 8.98 2.70 4.78
N THR A 39 9.43 2.99 6.00
CA THR A 39 9.07 2.12 7.13
CA THR A 39 9.12 2.14 7.15
C THR A 39 8.37 2.87 8.25
N ALA A 40 7.39 2.20 8.86
CA ALA A 40 6.65 2.69 10.00
C ALA A 40 6.37 1.51 10.93
N SER A 41 6.04 1.84 12.17
CA SER A 41 5.61 0.86 13.15
CA SER A 41 5.65 0.89 13.20
C SER A 41 4.33 1.30 13.81
N THR A 42 3.51 0.33 14.18
CA THR A 42 2.24 0.58 14.83
C THR A 42 1.79 -0.65 15.64
N SER A 43 1.10 -0.37 16.75
CA SER A 43 0.46 -1.39 17.56
CA SER A 43 0.47 -1.40 17.56
C SER A 43 -0.89 -1.81 16.99
N LEU A 44 -1.40 -1.02 16.04
CA LEU A 44 -2.67 -1.34 15.38
C LEU A 44 -2.54 -2.60 14.54
N THR A 45 -3.61 -3.39 14.43
CA THR A 45 -3.53 -4.67 13.70
C THR A 45 -4.58 -4.84 12.61
N GLY A 46 -5.32 -3.80 12.33
CA GLY A 46 -6.34 -3.87 11.29
C GLY A 46 -5.84 -4.02 9.85
N GLU A 47 -6.80 -3.95 8.93
CA GLU A 47 -6.50 -3.98 7.50
C GLU A 47 -5.45 -2.93 7.12
N ILE A 48 -4.44 -3.38 6.41
CA ILE A 48 -3.39 -2.50 5.91
C ILE A 48 -3.72 -2.04 4.51
N ARG A 49 -3.75 -0.72 4.34
CA ARG A 49 -3.91 -0.12 3.01
C ARG A 49 -2.72 0.81 2.72
N VAL A 50 -2.29 0.80 1.47
CA VAL A 50 -1.40 1.81 0.91
C VAL A 50 -2.23 2.64 -0.03
N ALA A 51 -2.44 3.89 0.37
CA ALA A 51 -3.40 4.80 -0.29
C ALA A 51 -2.70 5.96 -0.97
N PHE A 52 -3.04 6.15 -2.25
CA PHE A 52 -2.62 7.31 -3.04
C PHE A 52 -3.71 8.35 -2.89
N THR A 53 -3.33 9.53 -2.46
CA THR A 53 -4.32 10.53 -2.04
C THR A 53 -4.35 11.87 -2.79
N ASN A 54 -3.36 12.13 -3.63
CA ASN A 54 -3.26 13.44 -4.29
C ASN A 54 -3.11 13.34 -5.80
N ASP A 55 -3.95 12.51 -6.40
CA ASP A 55 -3.99 12.40 -7.84
C ASP A 55 -4.16 13.78 -8.48
N ALA A 56 -3.43 13.96 -9.57
CA ALA A 56 -3.47 15.18 -10.38
C ALA A 56 -2.81 14.80 -11.70
N THR A 57 -2.88 15.71 -12.67
CA THR A 57 -2.21 15.50 -13.95
C THR A 57 -0.77 15.09 -13.75
N GLY A 58 -0.42 13.95 -14.34
CA GLY A 58 0.98 13.50 -14.35
C GLY A 58 1.41 12.65 -13.17
N ARG A 59 0.52 12.45 -12.21
CA ARG A 59 0.81 11.71 -10.99
C ARG A 59 0.23 10.30 -11.02
N ASP A 60 1.04 9.31 -10.65
CA ASP A 60 0.63 7.92 -10.52
C ASP A 60 1.59 7.22 -9.56
N VAL A 61 1.11 6.18 -8.90
CA VAL A 61 1.90 5.44 -7.92
C VAL A 61 2.04 3.97 -8.34
N GLN A 62 3.24 3.45 -8.18
CA GLN A 62 3.51 2.04 -8.36
C GLN A 62 4.05 1.48 -7.06
N VAL A 63 3.36 0.49 -6.54
CA VAL A 63 3.76 -0.18 -5.28
C VAL A 63 4.29 -1.56 -5.60
N ASP A 64 5.51 -1.84 -5.13
CA ASP A 64 6.12 -3.13 -5.34
C ASP A 64 5.53 -4.16 -4.37
N TYR A 65 5.60 -3.80 -3.09
CA TYR A 65 5.23 -4.70 -2.02
C TYR A 65 5.23 -3.97 -0.70
N ILE A 66 4.70 -4.63 0.31
CA ILE A 66 4.97 -4.25 1.69
C ILE A 66 5.59 -5.43 2.42
N VAL A 67 6.25 -5.13 3.53
CA VAL A 67 6.82 -6.14 4.40
C VAL A 67 6.20 -5.90 5.77
N VAL A 68 5.56 -6.92 6.31
CA VAL A 68 4.85 -6.84 7.58
C VAL A 68 5.51 -7.84 8.53
N ASN A 69 6.16 -7.32 9.56
CA ASN A 69 6.85 -8.16 10.52
C ASN A 69 7.73 -9.19 9.80
N GLY A 70 8.50 -8.72 8.83
CA GLY A 70 9.49 -9.57 8.14
C GLY A 70 8.97 -10.35 6.93
N GLN A 71 7.67 -10.31 6.70
CA GLN A 71 7.01 -11.08 5.65
C GLN A 71 6.59 -10.18 4.48
N THR A 72 7.04 -10.52 3.28
CA THR A 72 6.74 -9.73 2.10
C THR A 72 5.38 -10.12 1.55
N ARG A 73 4.58 -9.10 1.26
CA ARG A 73 3.31 -9.23 0.58
C ARG A 73 3.38 -8.38 -0.71
N GLN A 74 3.42 -9.07 -1.83
CA GLN A 74 3.58 -8.45 -3.13
C GLN A 74 2.29 -7.72 -3.53
N ALA A 75 2.43 -6.50 -4.06
CA ALA A 75 1.28 -5.69 -4.46
C ALA A 75 0.46 -6.41 -5.53
N GLU A 76 1.15 -7.07 -6.45
CA GLU A 76 0.46 -7.74 -7.56
C GLU A 76 -0.27 -9.00 -7.13
N ASN A 77 0.00 -9.47 -5.91
CA ASN A 77 -0.73 -10.61 -5.35
C ASN A 77 -1.97 -10.20 -4.56
N GLN A 78 -2.23 -8.90 -4.46
CA GLN A 78 -3.35 -8.41 -3.67
C GLN A 78 -4.59 -8.25 -4.54
N SER A 79 -5.68 -8.88 -4.09
CA SER A 79 -6.90 -8.91 -4.90
CA SER A 79 -6.94 -8.92 -4.83
C SER A 79 -7.71 -7.61 -4.82
N VAL A 80 -7.41 -6.74 -3.87
CA VAL A 80 -8.09 -5.46 -3.71
C VAL A 80 -7.20 -4.30 -4.16
N ASN A 81 -7.65 -3.64 -5.21
CA ASN A 81 -7.00 -2.46 -5.76
C ASN A 81 -8.07 -1.51 -6.25
N THR A 82 -8.20 -0.37 -5.57
CA THR A 82 -9.28 0.57 -5.87
C THR A 82 -8.85 1.75 -6.73
N GLY A 83 -7.58 1.75 -7.13
CA GLY A 83 -6.97 2.85 -7.88
C GLY A 83 -6.47 2.60 -9.30
N VAL A 84 -6.21 1.34 -9.64
CA VAL A 84 -5.64 1.01 -10.95
C VAL A 84 -6.67 1.37 -12.05
N TRP A 85 -6.20 1.96 -13.13
CA TRP A 85 -7.05 2.29 -14.27
C TRP A 85 -7.06 1.09 -15.20
N ALA A 86 -8.20 0.43 -15.26
CA ALA A 86 -8.36 -0.76 -16.06
C ALA A 86 -9.84 -0.88 -16.45
N ASN A 87 -10.12 -1.39 -17.65
CA ASN A 87 -11.51 -1.48 -18.12
C ASN A 87 -12.17 -0.09 -17.98
N ASN A 88 -11.41 0.94 -18.35
CA ASN A 88 -11.89 2.31 -18.45
C ASN A 88 -12.50 2.86 -17.14
N GLN A 89 -11.90 2.50 -16.01
CA GLN A 89 -12.37 2.99 -14.73
C GLN A 89 -11.34 2.81 -13.63
N CYS A 90 -11.55 3.56 -12.54
CA CYS A 90 -10.69 3.43 -11.37
C CYS A 90 -11.00 2.14 -10.63
N GLY A 91 -9.93 1.45 -10.21
CA GLY A 91 -10.08 0.21 -9.49
C GLY A 91 -10.70 -0.86 -10.35
N GLY A 92 -10.29 -0.87 -11.63
CA GLY A 92 -10.88 -1.75 -12.59
C GLY A 92 -10.53 -3.22 -12.47
N SER A 93 -9.44 -3.50 -11.74
CA SER A 93 -8.92 -4.84 -11.58
C SER A 93 -8.19 -4.98 -10.26
N GLY A 94 -8.15 -6.20 -9.73
CA GLY A 94 -7.25 -6.55 -8.65
C GLY A 94 -5.91 -6.94 -9.23
N ASN A 95 -4.97 -7.26 -8.35
CA ASN A 95 -3.68 -7.83 -8.76
C ASN A 95 -2.87 -6.89 -9.65
N SER A 96 -2.76 -5.64 -9.20
CA SER A 96 -1.95 -4.64 -9.87
C SER A 96 -1.09 -3.89 -8.87
N GLU A 97 0.11 -3.54 -9.32
CA GLU A 97 1.03 -2.67 -8.59
C GLU A 97 0.60 -1.19 -8.65
N TRP A 98 -0.31 -0.87 -9.57
CA TRP A 98 -0.58 0.53 -9.88
C TRP A 98 -1.76 1.13 -9.15
N LEU A 99 -1.55 2.37 -8.73
CA LEU A 99 -2.61 3.27 -8.32
C LEU A 99 -2.52 4.50 -9.21
N HIS A 100 -3.44 4.56 -10.16
CA HIS A 100 -3.54 5.68 -11.08
C HIS A 100 -4.47 6.77 -10.55
N CYS A 101 -5.65 6.35 -10.13
CA CYS A 101 -6.58 7.22 -9.44
C CYS A 101 -6.29 7.22 -7.94
N ASN A 102 -6.84 8.20 -7.24
CA ASN A 102 -6.89 8.12 -5.78
C ASN A 102 -7.57 6.79 -5.41
N GLY A 103 -6.94 6.09 -4.50
CA GLY A 103 -7.43 4.79 -4.06
C GLY A 103 -6.30 4.06 -3.35
N TYR A 104 -6.50 2.76 -3.14
CA TYR A 104 -5.55 2.01 -2.37
C TYR A 104 -5.42 0.56 -2.83
N ILE A 105 -4.31 -0.03 -2.44
CA ILE A 105 -4.13 -1.45 -2.47
C ILE A 105 -4.26 -1.91 -1.03
N SER A 106 -5.09 -2.90 -0.82
CA SER A 106 -5.21 -3.54 0.49
C SER A 106 -4.32 -4.77 0.56
N PHE A 107 -3.57 -4.85 1.64
CA PHE A 107 -2.63 -5.96 1.86
C PHE A 107 -3.09 -6.91 2.95
N GLY A 108 -4.33 -6.75 3.40
CA GLY A 108 -4.85 -7.60 4.43
C GLY A 108 -4.52 -7.10 5.83
N ASN A 109 -5.15 -7.75 6.80
CA ASN A 109 -4.91 -7.49 8.20
C ASN A 109 -3.44 -7.71 8.54
N VAL A 110 -3.00 -7.04 9.59
CA VAL A 110 -1.61 -7.22 10.06
C VAL A 110 -1.37 -8.68 10.42
N SER A 111 -2.29 -9.28 11.17
CA SER A 111 -2.16 -10.67 11.58
C SER A 111 -3.06 -11.58 10.72
N LEU A 112 -2.41 -12.54 10.10
CA LEU A 112 -3.04 -13.50 9.24
C LEU A 112 -2.93 -14.90 9.85
N GLU A 113 -3.73 -15.82 9.33
CA GLU A 113 -3.82 -17.14 9.90
C GLU A 113 -3.86 -18.18 8.84
N HIS A 114 -3.25 -19.32 9.15
CA HIS A 114 -3.39 -20.52 8.36
C HIS A 114 -3.18 -21.75 9.25
N HIS A 115 -4.17 -22.66 9.25
CA HIS A 115 -4.12 -23.88 10.08
C HIS A 115 -3.68 -23.58 11.51
N HIS A 116 -4.26 -22.52 12.07
CA HIS A 116 -4.04 -22.11 13.46
C HIS A 116 -2.65 -21.57 13.75
N HIS A 117 -1.89 -21.31 12.69
CA HIS A 117 -0.66 -20.53 12.82
C HIS A 117 -0.98 -19.09 12.49
N HIS A 118 -0.45 -18.20 13.31
CA HIS A 118 -0.69 -16.78 13.16
C HIS A 118 0.59 -16.13 12.73
N HIS A 119 0.54 -15.35 11.67
CA HIS A 119 1.76 -14.75 11.15
C HIS A 119 1.52 -13.32 10.71
C1 LMR B . 4.15 0.02 24.49
O1A LMR B . 4.36 1.22 24.16
O1B LMR B . 3.69 -0.25 25.62
C2 LMR B . 4.42 -1.08 23.52
O2 LMR B . 4.40 -2.33 24.17
C3 LMR B . 3.31 -0.96 22.47
C4 LMR B . 3.56 -1.94 21.38
O4A LMR B . 4.68 -1.94 20.81
O4B LMR B . 2.67 -2.74 21.04
CA CA C . 2.51 -15.62 15.18
#